data_3CEN
#
_entry.id   3CEN
#
_cell.length_a   56.900
_cell.length_b   72.500
_cell.length_c   78.800
_cell.angle_alpha   90.00
_cell.angle_beta   90.00
_cell.angle_gamma   90.00
#
_symmetry.space_group_name_H-M   'P 21 21 21'
#
loop_
_entity.id
_entity.type
_entity.pdbx_description
1 polymer 'COAGULATION FACTOR X, HEAVY CHAIN'
2 polymer 'COAGULATION FACTOR X, LIGHT CHAIN'
3 non-polymer N-(2-(((5-CHLORO-2-PYRIDINYL)AMINO)SULFONYL)PHENYL)-4-(2-OXO-1(2H)-PYRIDINYL)BENZAMIDE
4 water water
#
loop_
_entity_poly.entity_id
_entity_poly.type
_entity_poly.pdbx_seq_one_letter_code
_entity_poly.pdbx_strand_id
1 'polypeptide(L)'
;IVGGQECKDGECPWQALLINEENEGFCGGTILSEFYILTAAHCLYQAKRFKVRVGDRNTEQEEGGEAVHEVEVVIKHNRF
TKETYDFDIAVLRLKTPITFRMNVAPACLPERDWAESTLMTQKTGIVSGFGRTHEKGRQSTRLKMLEVPYVDRNSCKLSS
SFIITQNMFCAGYDTKQEDACQGDSGGPHVTRFKDTYFVTGIVSWGEGCARKGKYGIYTKVTAFLKWIDRSMKT
;
A
2 'polypeptide(L)' KLCSLDNGDCDQFCHEEQNSVVCSCARGYTLADNGKACIPTGPYPCGKQTLE L
#
loop_
_chem_comp.id
_chem_comp.type
_chem_comp.name
_chem_comp.formula
FXA non-polymer N-(2-(((5-CHLORO-2-PYRIDINYL)AMINO)SULFONYL)PHENYL)-4-(2-OXO-1(2H)-PYRIDINYL)BENZAMIDE 'C23 H17 Cl N4 O4 S'
#
# COMPACT_ATOMS: atom_id res chain seq x y z
N ILE A 1 -0.13 6.23 12.66
CA ILE A 1 0.88 5.18 12.99
C ILE A 1 1.33 5.29 14.44
N VAL A 2 1.08 4.24 15.22
CA VAL A 2 1.48 4.18 16.62
C VAL A 2 2.84 3.51 16.63
N GLY A 3 3.83 4.19 17.19
CA GLY A 3 5.17 3.63 17.20
C GLY A 3 5.78 3.85 15.82
N GLY A 4 6.68 2.97 15.41
CA GLY A 4 7.31 3.11 14.11
C GLY A 4 8.29 4.26 14.05
N GLN A 5 8.61 4.70 12.84
CA GLN A 5 9.54 5.79 12.64
C GLN A 5 9.01 6.77 11.60
N GLU A 6 9.55 7.97 11.65
CA GLU A 6 9.19 9.03 10.72
C GLU A 6 9.71 8.61 9.34
N CYS A 7 8.97 8.96 8.30
CA CYS A 7 9.42 8.65 6.94
C CYS A 7 10.48 9.68 6.60
N LYS A 8 11.72 9.25 6.40
CA LYS A 8 12.77 10.19 6.07
C LYS A 8 12.69 10.51 4.58
N ASP A 9 13.45 11.52 4.15
CA ASP A 9 13.44 11.96 2.74
C ASP A 9 13.53 10.82 1.73
N GLY A 10 12.50 10.74 0.88
CA GLY A 10 12.44 9.73 -0.17
C GLY A 10 12.08 8.31 0.21
N GLU A 11 11.82 8.04 1.49
CA GLU A 11 11.52 6.68 1.93
C GLU A 11 10.11 6.12 1.69
N CYS A 12 9.12 6.99 1.48
CA CYS A 12 7.75 6.55 1.26
C CYS A 12 7.13 7.39 0.15
N PRO A 13 7.74 7.37 -1.04
CA PRO A 13 7.25 8.16 -2.17
C PRO A 13 5.87 7.83 -2.75
N TRP A 14 5.39 6.62 -2.46
CA TRP A 14 4.08 6.18 -2.95
C TRP A 14 2.94 6.56 -2.03
N GLN A 15 3.24 7.21 -0.91
CA GLN A 15 2.16 7.63 -0.02
C GLN A 15 1.32 8.77 -0.62
N ALA A 16 -0.01 8.60 -0.58
CA ALA A 16 -0.94 9.63 -1.04
C ALA A 16 -1.80 10.02 0.17
N LEU A 17 -2.34 11.24 0.15
CA LEU A 17 -3.17 11.71 1.26
C LEU A 17 -4.47 12.30 0.74
N LEU A 18 -5.60 11.77 1.21
CA LEU A 18 -6.89 12.31 0.77
C LEU A 18 -7.21 13.47 1.71
N ILE A 19 -7.46 14.65 1.15
CA ILE A 19 -7.77 15.81 1.97
C ILE A 19 -9.18 16.32 1.68
N ASN A 20 -9.86 16.73 2.74
CA ASN A 20 -11.24 17.23 2.60
C ASN A 20 -11.29 18.70 2.17
N GLU A 21 -12.44 19.32 2.38
CA GLU A 21 -12.64 20.72 2.02
C GLU A 21 -11.76 21.67 2.83
N GLU A 22 -11.39 21.25 4.03
CA GLU A 22 -10.55 22.04 4.92
C GLU A 22 -9.07 21.77 4.66
N ASN A 23 -8.79 21.05 3.58
CA ASN A 23 -7.41 20.71 3.23
C ASN A 23 -6.73 19.87 4.30
N GLU A 24 -7.51 19.10 5.05
CA GLU A 24 -6.93 18.25 6.09
C GLU A 24 -7.07 16.77 5.71
N GLY A 25 -6.03 16.00 6.00
CA GLY A 25 -6.04 14.59 5.67
C GLY A 25 -6.97 13.77 6.55
N PHE A 26 -7.65 12.82 5.94
CA PHE A 26 -8.56 11.95 6.70
C PHE A 26 -8.30 10.49 6.35
N CYS A 27 -7.52 10.26 5.30
CA CYS A 27 -7.20 8.90 4.87
C CYS A 27 -5.98 8.91 3.98
N GLY A 28 -5.38 7.75 3.81
CA GLY A 28 -4.21 7.66 2.96
C GLY A 28 -4.55 6.95 1.66
N GLY A 29 -3.54 6.83 0.81
CA GLY A 29 -3.71 6.16 -0.46
C GLY A 29 -2.34 5.73 -0.94
N THR A 30 -2.30 4.90 -1.98
CA THR A 30 -1.03 4.46 -2.56
C THR A 30 -1.01 4.84 -4.04
N ILE A 31 0.06 5.49 -4.47
CA ILE A 31 0.19 5.87 -5.88
C ILE A 31 0.51 4.62 -6.71
N LEU A 32 -0.29 4.34 -7.73
CA LEU A 32 -0.08 3.18 -8.60
C LEU A 32 0.51 3.58 -9.95
N SER A 33 0.19 4.79 -10.39
CA SER A 33 0.67 5.31 -11.68
C SER A 33 0.41 6.82 -11.70
N GLU A 34 0.74 7.46 -12.81
CA GLU A 34 0.55 8.91 -12.87
C GLU A 34 -0.92 9.33 -12.73
N PHE A 35 -1.84 8.45 -13.12
CA PHE A 35 -3.26 8.75 -13.04
C PHE A 35 -4.07 8.04 -11.95
N TYR A 36 -3.52 6.99 -11.34
CA TYR A 36 -4.30 6.24 -10.36
C TYR A 36 -3.81 6.12 -8.91
N ILE A 37 -4.77 6.21 -8.00
CA ILE A 37 -4.52 6.10 -6.57
C ILE A 37 -5.34 4.92 -6.04
N LEU A 38 -4.75 4.13 -5.14
CA LEU A 38 -5.43 3.00 -4.52
C LEU A 38 -5.74 3.43 -3.10
N THR A 39 -6.94 3.15 -2.62
CA THR A 39 -7.31 3.52 -1.26
C THR A 39 -8.39 2.58 -0.74
N ALA A 40 -8.96 2.90 0.42
CA ALA A 40 -9.99 2.06 1.00
C ALA A 40 -11.38 2.60 0.66
N ALA A 41 -12.28 1.69 0.30
CA ALA A 41 -13.65 2.09 -0.05
C ALA A 41 -14.35 2.84 1.07
N HIS A 42 -14.07 2.49 2.32
CA HIS A 42 -14.74 3.15 3.43
C HIS A 42 -14.32 4.61 3.63
N CYS A 43 -13.23 5.01 2.99
CA CYS A 43 -12.73 6.38 3.08
C CYS A 43 -13.62 7.33 2.28
N LEU A 44 -14.31 6.79 1.28
CA LEU A 44 -15.18 7.58 0.42
C LEU A 44 -16.37 8.14 1.16
N TYR A 45 -16.63 7.63 2.37
CA TYR A 45 -17.75 8.10 3.18
C TYR A 45 -17.27 8.99 4.32
N GLN A 46 -16.06 9.51 4.20
CA GLN A 46 -15.47 10.38 5.22
C GLN A 46 -15.48 11.84 4.80
N ALA A 47 -15.94 12.10 3.58
CA ALA A 47 -16.00 13.46 3.05
C ALA A 47 -16.70 13.49 1.69
N LYS A 48 -17.58 14.47 1.50
CA LYS A 48 -18.31 14.61 0.25
C LYS A 48 -17.32 14.87 -0.89
N ARG A 49 -16.63 16.01 -0.83
CA ARG A 49 -15.64 16.35 -1.84
C ARG A 49 -14.24 16.31 -1.25
N PHE A 50 -13.34 15.62 -1.92
CA PHE A 50 -11.96 15.51 -1.45
C PHE A 50 -10.98 15.52 -2.62
N LYS A 51 -9.73 15.85 -2.33
CA LYS A 51 -8.69 15.89 -3.34
C LYS A 51 -7.58 14.97 -2.85
N VAL A 52 -6.53 14.83 -3.66
CA VAL A 52 -5.42 13.99 -3.28
C VAL A 52 -4.12 14.77 -3.31
N ARG A 53 -3.35 14.69 -2.24
CA ARG A 53 -2.06 15.36 -2.17
C ARG A 53 -0.96 14.31 -2.19
N VAL A 54 0.12 14.58 -2.90
CA VAL A 54 1.24 13.65 -2.97
C VAL A 54 2.51 14.44 -2.67
N GLY A 55 3.56 13.73 -2.27
CA GLY A 55 4.83 14.37 -1.99
C GLY A 55 4.91 15.12 -0.68
N ASP A 56 3.91 14.95 0.18
CA ASP A 56 3.93 15.63 1.46
C ASP A 56 4.52 14.73 2.55
N ARG A 57 5.25 15.35 3.48
CA ARG A 57 5.84 14.62 4.59
C ARG A 57 5.52 15.33 5.90
N ASN A 58 5.27 16.63 5.79
CA ASN A 58 4.96 17.46 6.95
C ASN A 58 3.79 18.38 6.57
N THR A 59 2.61 18.08 7.10
CA THR A 59 1.41 18.87 6.81
C THR A 59 1.38 20.27 7.40
N GLU A 60 2.39 20.63 8.18
CA GLU A 60 2.43 21.95 8.79
C GLU A 60 2.70 23.07 7.79
N GLN A 61 3.79 22.94 7.01
CA GLN A 61 4.12 23.96 6.03
C GLN A 61 4.44 23.36 4.67
N GLU A 62 4.25 24.16 3.62
CA GLU A 62 4.52 23.71 2.26
C GLU A 62 5.98 23.94 1.91
N GLU A 63 6.70 22.87 1.59
CA GLU A 63 8.12 22.97 1.26
C GLU A 63 8.29 23.31 -0.23
N GLY A 64 7.39 22.79 -1.05
CA GLY A 64 7.45 23.04 -2.49
C GLY A 64 7.45 21.76 -3.31
N GLY A 65 7.43 20.62 -2.62
CA GLY A 65 7.43 19.34 -3.31
C GLY A 65 6.06 18.71 -3.34
N GLU A 66 5.11 19.30 -2.61
CA GLU A 66 3.75 18.80 -2.55
C GLU A 66 2.97 19.15 -3.81
N ALA A 67 1.96 18.35 -4.13
CA ALA A 67 1.12 18.60 -5.30
C ALA A 67 -0.28 18.07 -5.02
N VAL A 68 -1.28 18.92 -5.29
CA VAL A 68 -2.67 18.54 -5.08
C VAL A 68 -3.31 18.16 -6.41
N HIS A 69 -4.08 17.08 -6.41
CA HIS A 69 -4.75 16.59 -7.61
C HIS A 69 -6.23 16.34 -7.37
N GLU A 70 -7.06 16.83 -8.28
CA GLU A 70 -8.50 16.61 -8.14
C GLU A 70 -8.82 15.23 -8.72
N VAL A 71 -9.85 14.60 -8.16
CA VAL A 71 -10.25 13.27 -8.61
C VAL A 71 -11.25 13.36 -9.74
N GLU A 72 -10.95 12.67 -10.84
CA GLU A 72 -11.83 12.66 -11.99
C GLU A 72 -12.94 11.63 -11.83
N VAL A 73 -12.54 10.40 -11.53
CA VAL A 73 -13.51 9.32 -11.37
C VAL A 73 -13.19 8.50 -10.13
N VAL A 74 -14.24 8.13 -9.40
CA VAL A 74 -14.09 7.32 -8.20
C VAL A 74 -14.64 5.93 -8.50
N ILE A 75 -13.81 4.92 -8.34
CA ILE A 75 -14.25 3.55 -8.59
C ILE A 75 -14.18 2.75 -7.30
N LYS A 76 -15.33 2.61 -6.65
CA LYS A 76 -15.41 1.86 -5.40
C LYS A 76 -15.96 0.48 -5.67
N HIS A 77 -15.43 -0.52 -4.99
CA HIS A 77 -15.90 -1.88 -5.18
C HIS A 77 -17.38 -1.92 -4.79
N ASN A 78 -18.22 -2.39 -5.70
CA ASN A 78 -19.66 -2.45 -5.44
C ASN A 78 -20.06 -3.37 -4.28
N ARG A 79 -19.19 -4.31 -3.93
CA ARG A 79 -19.51 -5.24 -2.84
C ARG A 79 -19.13 -4.77 -1.45
N PHE A 80 -18.52 -3.59 -1.35
CA PHE A 80 -18.15 -3.10 -0.03
C PHE A 80 -19.37 -2.88 0.85
N THR A 81 -19.25 -3.24 2.13
CA THR A 81 -20.33 -3.08 3.10
C THR A 81 -19.77 -2.68 4.46
N LYS A 82 -20.40 -1.72 5.10
CA LYS A 82 -19.95 -1.24 6.41
C LYS A 82 -20.22 -2.30 7.48
N GLU A 83 -21.16 -3.20 7.20
CA GLU A 83 -21.52 -4.24 8.14
C GLU A 83 -20.41 -5.29 8.31
N THR A 84 -19.58 -5.45 7.29
CA THR A 84 -18.51 -6.44 7.34
C THR A 84 -17.14 -5.87 7.03
N TYR A 85 -17.14 -4.76 6.28
CA TYR A 85 -15.92 -4.10 5.85
C TYR A 85 -15.15 -4.97 4.85
N ASP A 86 -15.87 -5.90 4.23
CA ASP A 86 -15.29 -6.80 3.23
C ASP A 86 -15.23 -6.01 1.91
N PHE A 87 -14.31 -6.39 1.04
CA PHE A 87 -14.15 -5.71 -0.24
C PHE A 87 -13.85 -4.24 -0.02
N ASP A 88 -13.02 -3.95 0.98
CA ASP A 88 -12.66 -2.57 1.31
C ASP A 88 -11.55 -2.06 0.39
N ILE A 89 -11.93 -1.68 -0.82
CA ILE A 89 -10.97 -1.20 -1.80
C ILE A 89 -11.64 -0.25 -2.79
N ALA A 90 -10.84 0.69 -3.30
CA ALA A 90 -11.31 1.66 -4.28
C ALA A 90 -10.12 2.20 -5.06
N VAL A 91 -10.38 2.63 -6.29
CA VAL A 91 -9.34 3.21 -7.13
C VAL A 91 -9.81 4.58 -7.59
N LEU A 92 -8.89 5.54 -7.60
CA LEU A 92 -9.20 6.89 -8.01
C LEU A 92 -8.41 7.28 -9.24
N ARG A 93 -9.09 7.75 -10.28
CA ARG A 93 -8.38 8.21 -11.47
C ARG A 93 -8.32 9.72 -11.26
N LEU A 94 -7.15 10.32 -11.47
CA LEU A 94 -7.00 11.76 -11.26
C LEU A 94 -7.24 12.55 -12.53
N LYS A 95 -7.62 13.83 -12.39
CA LYS A 95 -7.87 14.68 -13.55
C LYS A 95 -6.59 15.01 -14.30
N THR A 96 -5.51 15.22 -13.55
CA THR A 96 -4.21 15.52 -14.15
C THR A 96 -3.20 14.48 -13.64
N PRO A 97 -2.22 14.10 -14.49
CA PRO A 97 -1.21 13.11 -14.11
C PRO A 97 -0.24 13.59 -13.03
N ILE A 98 0.17 12.67 -12.16
CA ILE A 98 1.11 13.01 -11.11
C ILE A 98 2.51 13.11 -11.70
N THR A 99 3.26 14.13 -11.31
CA THR A 99 4.63 14.28 -11.81
C THR A 99 5.53 13.61 -10.77
N PHE A 100 6.20 12.53 -11.17
CA PHE A 100 7.08 11.84 -10.25
C PHE A 100 8.32 12.66 -9.95
N ARG A 101 8.80 12.57 -8.72
CA ARG A 101 9.97 13.32 -8.26
C ARG A 101 10.37 12.83 -6.89
N MET A 102 11.24 13.57 -6.23
CA MET A 102 11.64 13.24 -4.88
C MET A 102 10.36 13.14 -4.05
N ASN A 103 10.18 12.02 -3.36
CA ASN A 103 9.00 11.79 -2.53
C ASN A 103 7.71 11.55 -3.30
N VAL A 104 7.80 11.34 -4.61
CA VAL A 104 6.62 11.04 -5.41
C VAL A 104 6.94 10.00 -6.47
N ALA A 105 6.52 8.77 -6.21
CA ALA A 105 6.74 7.67 -7.13
C ALA A 105 5.74 6.57 -6.85
N PRO A 106 5.40 5.77 -7.87
CA PRO A 106 4.44 4.69 -7.68
C PRO A 106 5.04 3.44 -7.02
N ALA A 107 4.20 2.65 -6.39
CA ALA A 107 4.61 1.39 -5.78
C ALA A 107 4.26 0.36 -6.85
N CYS A 108 5.00 -0.74 -6.92
CA CYS A 108 4.72 -1.76 -7.94
C CYS A 108 3.55 -2.66 -7.62
N LEU A 109 2.79 -3.00 -8.65
CA LEU A 109 1.69 -3.93 -8.48
C LEU A 109 2.34 -5.25 -8.85
N PRO A 110 2.23 -6.25 -7.97
CA PRO A 110 2.84 -7.57 -8.25
C PRO A 110 1.84 -8.47 -8.97
N GLU A 111 2.32 -9.61 -9.45
CA GLU A 111 1.45 -10.59 -10.09
C GLU A 111 0.88 -11.39 -8.93
N ARG A 112 -0.30 -11.95 -9.10
CA ARG A 112 -0.97 -12.70 -8.02
C ARG A 112 -0.22 -13.87 -7.38
N ASP A 113 0.03 -14.93 -8.15
CA ASP A 113 0.71 -16.11 -7.61
C ASP A 113 2.07 -15.80 -6.99
N TRP A 114 2.87 -15.02 -7.71
CA TRP A 114 4.20 -14.67 -7.22
C TRP A 114 4.07 -13.93 -5.88
N ALA A 115 3.19 -12.94 -5.83
CA ALA A 115 2.96 -12.15 -4.61
C ALA A 115 2.58 -13.03 -3.43
N GLU A 116 1.62 -13.94 -3.64
CA GLU A 116 1.18 -14.81 -2.58
C GLU A 116 2.24 -15.78 -2.09
N SER A 117 3.08 -16.29 -3.00
CA SER A 117 4.11 -17.24 -2.59
C SER A 117 5.43 -16.59 -2.18
N THR A 118 5.70 -15.40 -2.68
CA THR A 118 6.98 -14.74 -2.39
C THR A 118 6.90 -13.50 -1.52
N LEU A 119 5.88 -12.68 -1.68
CA LEU A 119 5.75 -11.47 -0.88
C LEU A 119 4.99 -11.71 0.43
N MET A 120 3.82 -12.32 0.32
CA MET A 120 2.99 -12.60 1.49
C MET A 120 3.63 -13.59 2.47
N THR A 121 4.67 -14.29 2.03
CA THR A 121 5.34 -15.26 2.88
C THR A 121 6.56 -14.66 3.57
N GLN A 122 6.87 -13.41 3.26
CA GLN A 122 8.00 -12.73 3.88
C GLN A 122 7.65 -12.52 5.35
N LYS A 123 8.64 -12.21 6.17
CA LYS A 123 8.38 -12.00 7.58
C LYS A 123 7.61 -10.72 7.87
N THR A 124 7.94 -9.66 7.13
CA THR A 124 7.29 -8.38 7.37
C THR A 124 6.90 -7.56 6.15
N GLY A 125 6.09 -6.55 6.43
CA GLY A 125 5.63 -5.61 5.43
C GLY A 125 5.80 -4.23 6.07
N ILE A 126 5.48 -3.18 5.33
CA ILE A 126 5.60 -1.83 5.86
C ILE A 126 4.31 -1.05 5.65
N VAL A 127 3.79 -0.45 6.72
CA VAL A 127 2.58 0.35 6.63
C VAL A 127 2.95 1.81 6.91
N SER A 128 2.25 2.75 6.28
CA SER A 128 2.56 4.15 6.48
C SER A 128 1.33 5.06 6.45
N GLY A 129 1.47 6.27 6.99
CA GLY A 129 0.37 7.22 7.00
C GLY A 129 0.52 8.40 7.94
N PHE A 130 -0.41 9.35 7.86
CA PHE A 130 -0.42 10.53 8.71
C PHE A 130 -1.46 10.33 9.81
N GLY A 131 -1.75 9.07 10.13
CA GLY A 131 -2.74 8.76 11.15
C GLY A 131 -2.31 9.07 12.57
N ARG A 132 -3.23 8.87 13.51
CA ARG A 132 -2.96 9.12 14.92
C ARG A 132 -1.78 8.29 15.40
N THR A 133 -1.05 8.80 16.39
CA THR A 133 0.10 8.11 16.95
C THR A 133 -0.31 7.38 18.22
N HIS A 134 -1.58 7.54 18.61
CA HIS A 134 -2.16 6.90 19.79
C HIS A 134 -3.64 6.71 19.46
N GLU A 135 -4.30 5.74 20.09
CA GLU A 135 -5.71 5.53 19.82
C GLU A 135 -6.50 6.82 20.06
N LYS A 136 -6.08 7.57 21.08
CA LYS A 136 -6.72 8.85 21.41
C LYS A 136 -5.75 10.00 21.11
N GLY A 137 -6.01 10.73 20.03
CA GLY A 137 -5.16 11.83 19.67
C GLY A 137 -5.50 12.41 18.32
N ARG A 138 -4.80 13.48 17.93
CA ARG A 138 -5.03 14.14 16.65
C ARG A 138 -4.14 13.52 15.58
N GLN A 139 -4.47 13.77 14.31
CA GLN A 139 -3.71 13.25 13.19
C GLN A 139 -2.26 13.74 13.24
N SER A 140 -1.31 12.87 12.93
CA SER A 140 0.10 13.23 12.95
C SER A 140 0.37 14.23 11.84
N THR A 141 1.25 15.20 12.11
CA THR A 141 1.59 16.19 11.10
C THR A 141 2.75 15.67 10.24
N ARG A 142 3.35 14.57 10.67
CA ARG A 142 4.46 13.99 9.93
C ARG A 142 4.14 12.58 9.43
N LEU A 143 4.61 12.27 8.23
CA LEU A 143 4.39 10.96 7.65
C LEU A 143 5.27 9.95 8.38
N LYS A 144 4.66 8.86 8.85
CA LYS A 144 5.37 7.82 9.58
C LYS A 144 5.26 6.48 8.84
N MET A 145 6.15 5.55 9.19
CA MET A 145 6.13 4.22 8.60
C MET A 145 6.34 3.24 9.75
N LEU A 146 5.96 1.99 9.53
CA LEU A 146 6.11 0.97 10.57
C LEU A 146 6.24 -0.41 9.95
N GLU A 147 7.24 -1.15 10.40
CA GLU A 147 7.45 -2.50 9.92
C GLU A 147 6.49 -3.39 10.70
N VAL A 148 5.56 -4.03 10.00
CA VAL A 148 4.60 -4.89 10.67
C VAL A 148 4.74 -6.32 10.20
N PRO A 149 4.86 -7.26 11.15
CA PRO A 149 5.01 -8.68 10.82
C PRO A 149 3.73 -9.27 10.22
N TYR A 150 3.89 -10.15 9.24
CA TYR A 150 2.71 -10.81 8.68
C TYR A 150 2.25 -11.70 9.81
N VAL A 151 0.94 -11.74 10.08
CA VAL A 151 0.41 -12.56 11.16
C VAL A 151 -0.22 -13.84 10.62
N ASP A 152 -0.04 -14.94 11.36
CA ASP A 152 -0.61 -16.23 10.99
C ASP A 152 -2.11 -16.02 10.79
N ARG A 153 -2.64 -16.49 9.67
CA ARG A 153 -4.05 -16.31 9.37
C ARG A 153 -5.01 -16.94 10.38
N ASN A 154 -4.61 -18.03 11.02
CA ASN A 154 -5.48 -18.67 11.99
C ASN A 154 -5.43 -17.95 13.34
N SER A 155 -4.23 -17.57 13.75
CA SER A 155 -4.06 -16.88 15.03
C SER A 155 -4.83 -15.57 15.06
N CYS A 156 -4.92 -14.90 13.92
CA CYS A 156 -5.63 -13.63 13.84
C CYS A 156 -7.14 -13.79 13.78
N LYS A 157 -7.61 -14.86 13.15
CA LYS A 157 -9.04 -15.11 13.07
C LYS A 157 -9.57 -15.39 14.48
N LEU A 158 -8.74 -16.07 15.26
CA LEU A 158 -9.10 -16.43 16.63
C LEU A 158 -9.08 -15.21 17.55
N SER A 159 -8.20 -14.26 17.24
CA SER A 159 -8.07 -13.05 18.05
C SER A 159 -9.03 -11.93 17.65
N SER A 160 -9.82 -12.16 16.61
CA SER A 160 -10.75 -11.15 16.13
C SER A 160 -12.22 -11.40 16.50
N SER A 161 -12.91 -10.33 16.89
CA SER A 161 -14.31 -10.44 17.26
C SER A 161 -15.16 -10.29 16.00
N PHE A 162 -14.50 -10.00 14.89
CA PHE A 162 -15.16 -9.84 13.60
C PHE A 162 -14.56 -10.87 12.64
N ILE A 163 -15.38 -11.34 11.72
CA ILE A 163 -14.92 -12.34 10.76
C ILE A 163 -13.89 -11.79 9.78
N ILE A 164 -12.77 -12.49 9.66
CA ILE A 164 -11.70 -12.10 8.75
C ILE A 164 -11.98 -12.87 7.46
N THR A 165 -12.40 -12.15 6.42
CA THR A 165 -12.70 -12.76 5.13
C THR A 165 -11.42 -13.05 4.36
N GLN A 166 -11.54 -13.75 3.23
CA GLN A 166 -10.38 -14.06 2.40
C GLN A 166 -9.86 -12.84 1.67
N ASN A 167 -10.60 -11.72 1.76
CA ASN A 167 -10.16 -10.49 1.12
C ASN A 167 -9.34 -9.66 2.12
N MET A 168 -9.10 -10.23 3.30
CA MET A 168 -8.33 -9.55 4.35
C MET A 168 -7.15 -10.37 4.83
N PHE A 169 -6.18 -9.68 5.42
CA PHE A 169 -5.04 -10.35 6.03
C PHE A 169 -4.64 -9.50 7.23
N CYS A 170 -3.92 -10.11 8.15
CA CYS A 170 -3.51 -9.41 9.37
C CYS A 170 -2.02 -9.20 9.44
N ALA A 171 -1.63 -8.05 9.98
CA ALA A 171 -0.22 -7.71 10.14
C ALA A 171 -0.06 -6.93 11.43
N GLY A 172 1.10 -7.06 12.06
CA GLY A 172 1.30 -6.33 13.29
C GLY A 172 1.88 -7.13 14.43
N TYR A 173 1.54 -6.69 15.64
CA TYR A 173 2.02 -7.32 16.86
C TYR A 173 0.90 -7.68 17.81
N ASP A 174 1.12 -8.78 18.52
CA ASP A 174 0.14 -9.26 19.48
C ASP A 174 0.12 -8.31 20.67
N THR A 175 1.29 -8.09 21.26
CA THR A 175 1.38 -7.23 22.44
C THR A 175 2.19 -5.94 22.24
N LYS A 176 3.21 -5.98 21.38
CA LYS A 176 4.02 -4.79 21.15
C LYS A 176 3.13 -3.62 20.74
N GLN A 177 3.36 -2.45 21.32
CA GLN A 177 2.55 -1.26 21.05
C GLN A 177 2.82 -0.50 19.74
N GLU A 178 2.71 -1.18 18.61
CA GLU A 178 2.91 -0.54 17.31
C GLU A 178 1.81 -1.06 16.40
N ASP A 179 1.22 -0.16 15.62
CA ASP A 179 0.13 -0.54 14.74
C ASP A 179 -0.26 0.69 13.93
N ALA A 180 -1.13 0.52 12.95
CA ALA A 180 -1.61 1.66 12.18
C ALA A 180 -2.70 2.18 13.10
N CYS A 181 -3.37 3.27 12.72
CA CYS A 181 -4.42 3.84 13.56
C CYS A 181 -5.38 4.68 12.71
N GLN A 182 -6.26 5.42 13.39
CA GLN A 182 -7.24 6.27 12.74
C GLN A 182 -6.56 7.30 11.83
N GLY A 183 -6.95 7.32 10.56
CA GLY A 183 -6.36 8.26 9.63
C GLY A 183 -5.43 7.58 8.65
N ASP A 184 -4.90 6.42 9.05
CA ASP A 184 -4.00 5.67 8.18
C ASP A 184 -4.80 4.85 7.18
N SER A 185 -6.10 4.71 7.39
CA SER A 185 -6.97 3.95 6.50
C SER A 185 -6.82 4.34 5.04
N GLY A 186 -6.82 3.34 4.16
CA GLY A 186 -6.68 3.59 2.73
C GLY A 186 -5.23 3.67 2.31
N GLY A 187 -4.35 3.77 3.29
CA GLY A 187 -2.92 3.88 3.03
C GLY A 187 -2.20 2.63 2.55
N PRO A 188 -0.92 2.77 2.20
CA PRO A 188 -0.14 1.63 1.72
C PRO A 188 0.42 0.66 2.73
N HIS A 189 0.45 -0.60 2.30
CA HIS A 189 1.07 -1.68 3.04
C HIS A 189 1.86 -2.21 1.86
N VAL A 190 3.19 -2.12 1.95
CA VAL A 190 4.05 -2.60 0.88
C VAL A 190 5.02 -3.62 1.43
N THR A 191 5.46 -4.54 0.59
CA THR A 191 6.40 -5.55 0.99
C THR A 191 7.63 -5.40 0.11
N ARG A 192 8.81 -5.41 0.74
CA ARG A 192 10.06 -5.26 0.01
C ARG A 192 10.62 -6.58 -0.45
N PHE A 193 11.16 -6.56 -1.66
CA PHE A 193 11.80 -7.73 -2.24
C PHE A 193 12.95 -7.17 -3.07
N LYS A 194 14.19 -7.48 -2.68
CA LYS A 194 15.36 -6.98 -3.39
C LYS A 194 15.30 -5.47 -3.62
N ASP A 195 15.03 -4.73 -2.55
CA ASP A 195 14.95 -3.28 -2.59
C ASP A 195 13.91 -2.68 -3.54
N THR A 196 12.91 -3.48 -3.88
CA THR A 196 11.81 -3.03 -4.72
C THR A 196 10.55 -3.24 -3.90
N TYR A 197 9.76 -2.19 -3.75
CA TYR A 197 8.54 -2.25 -2.94
C TYR A 197 7.27 -2.46 -3.74
N PHE A 198 6.53 -3.50 -3.39
CA PHE A 198 5.28 -3.86 -4.05
C PHE A 198 4.10 -3.64 -3.11
N VAL A 199 3.00 -3.08 -3.63
CA VAL A 199 1.82 -2.85 -2.81
C VAL A 199 1.18 -4.19 -2.50
N THR A 200 1.03 -4.52 -1.22
CA THR A 200 0.44 -5.78 -0.82
C THR A 200 -0.85 -5.63 0.00
N GLY A 201 -1.07 -4.44 0.54
CA GLY A 201 -2.27 -4.23 1.32
C GLY A 201 -2.74 -2.80 1.39
N ILE A 202 -3.98 -2.62 1.85
CA ILE A 202 -4.61 -1.32 2.01
C ILE A 202 -5.05 -1.29 3.47
N VAL A 203 -4.63 -0.26 4.21
CA VAL A 203 -5.03 -0.15 5.61
C VAL A 203 -6.55 -0.17 5.67
N SER A 204 -7.11 -1.13 6.38
CA SER A 204 -8.56 -1.25 6.45
C SER A 204 -9.21 -0.96 7.80
N TRP A 205 -8.91 -1.77 8.80
CA TRP A 205 -9.50 -1.56 10.13
C TRP A 205 -8.77 -2.29 11.23
N GLY A 206 -9.24 -2.07 12.46
CA GLY A 206 -8.64 -2.71 13.62
C GLY A 206 -9.47 -2.40 14.86
N GLU A 207 -9.48 -3.31 15.83
CA GLU A 207 -10.22 -3.10 17.07
C GLU A 207 -9.30 -2.24 17.94
N GLY A 208 -9.54 -0.94 17.91
CA GLY A 208 -8.69 -0.02 18.66
C GLY A 208 -7.41 0.10 17.86
N CYS A 209 -6.29 0.36 18.52
CA CYS A 209 -5.02 0.47 17.84
C CYS A 209 -3.90 -0.06 18.73
N ALA A 210 -3.10 -0.97 18.19
CA ALA A 210 -1.99 -1.56 18.91
C ALA A 210 -2.41 -2.17 20.25
N ARG A 211 -3.60 -2.75 20.29
CA ARG A 211 -4.10 -3.38 21.51
C ARG A 211 -3.53 -4.78 21.66
N LYS A 212 -3.29 -5.18 22.91
CA LYS A 212 -2.77 -6.51 23.18
C LYS A 212 -3.80 -7.52 22.69
N GLY A 213 -3.35 -8.58 22.04
CA GLY A 213 -4.27 -9.59 21.53
C GLY A 213 -5.08 -9.14 20.33
N LYS A 214 -4.66 -8.05 19.69
CA LYS A 214 -5.35 -7.54 18.51
C LYS A 214 -4.34 -7.16 17.43
N TYR A 215 -4.73 -7.34 16.17
CA TYR A 215 -3.85 -7.04 15.05
C TYR A 215 -4.43 -6.02 14.08
N GLY A 216 -3.61 -5.52 13.16
CA GLY A 216 -4.09 -4.58 12.17
C GLY A 216 -4.67 -5.39 11.02
N ILE A 217 -5.81 -4.94 10.48
CA ILE A 217 -6.47 -5.67 9.39
C ILE A 217 -6.33 -4.89 8.08
N TYR A 218 -5.85 -5.58 7.05
CA TYR A 218 -5.63 -4.96 5.75
C TYR A 218 -6.35 -5.67 4.61
N THR A 219 -6.69 -4.92 3.56
CA THR A 219 -7.33 -5.51 2.39
C THR A 219 -6.21 -6.18 1.60
N LYS A 220 -6.42 -7.43 1.21
CA LYS A 220 -5.41 -8.17 0.47
C LYS A 220 -5.42 -7.75 -0.99
N VAL A 221 -4.41 -6.99 -1.39
CA VAL A 221 -4.33 -6.52 -2.75
C VAL A 221 -4.33 -7.67 -3.78
N THR A 222 -3.73 -8.82 -3.46
CA THR A 222 -3.69 -9.94 -4.42
C THR A 222 -5.08 -10.50 -4.76
N ALA A 223 -6.05 -10.28 -3.89
CA ALA A 223 -7.40 -10.79 -4.15
C ALA A 223 -8.16 -9.91 -5.12
N PHE A 224 -7.58 -8.76 -5.45
CA PHE A 224 -8.21 -7.77 -6.33
C PHE A 224 -7.36 -7.30 -7.51
N LEU A 225 -6.28 -8.00 -7.82
CA LEU A 225 -5.41 -7.56 -8.92
C LEU A 225 -6.15 -7.44 -10.24
N LYS A 226 -7.02 -8.41 -10.54
CA LYS A 226 -7.77 -8.36 -11.78
C LYS A 226 -8.71 -7.16 -11.74
N TRP A 227 -9.35 -6.96 -10.58
CA TRP A 227 -10.27 -5.85 -10.38
C TRP A 227 -9.54 -4.52 -10.55
N ILE A 228 -8.33 -4.44 -10.02
CA ILE A 228 -7.53 -3.21 -10.13
C ILE A 228 -7.12 -2.93 -11.58
N ASP A 229 -6.64 -3.95 -12.28
CA ASP A 229 -6.25 -3.78 -13.67
C ASP A 229 -7.43 -3.29 -14.48
N ARG A 230 -8.60 -3.86 -14.23
CA ARG A 230 -9.80 -3.45 -14.95
C ARG A 230 -10.08 -1.97 -14.67
N SER A 231 -10.12 -1.61 -13.39
CA SER A 231 -10.39 -0.23 -12.97
C SER A 231 -9.43 0.79 -13.55
N MET A 232 -8.18 0.39 -13.77
CA MET A 232 -7.17 1.31 -14.32
C MET A 232 -7.29 1.41 -15.83
N LYS A 233 -8.38 0.88 -16.39
CA LYS A 233 -8.61 0.92 -17.83
C LYS A 233 -9.95 1.55 -18.16
N THR A 234 -10.95 1.28 -17.34
CA THR A 234 -12.29 1.82 -17.55
C THR A 234 -12.31 3.32 -17.32
N LYS B 1 14.47 -26.94 -8.01
CA LYS B 1 13.61 -26.21 -7.03
C LYS B 1 13.09 -24.95 -7.71
N LEU B 2 13.73 -24.59 -8.82
CA LEU B 2 13.37 -23.44 -9.64
C LEU B 2 13.02 -22.15 -8.88
N CYS B 3 11.76 -21.73 -9.00
CA CYS B 3 11.31 -20.51 -8.34
C CYS B 3 11.41 -20.58 -6.81
N SER B 4 11.37 -21.79 -6.26
CA SER B 4 11.47 -21.96 -4.81
C SER B 4 12.91 -21.78 -4.32
N LEU B 5 13.87 -21.89 -5.23
CA LEU B 5 15.28 -21.72 -4.89
C LEU B 5 15.66 -20.26 -5.11
N ASP B 6 15.66 -19.48 -4.05
CA ASP B 6 16.00 -18.05 -4.08
C ASP B 6 15.34 -17.30 -5.27
N ASN B 7 14.03 -17.47 -5.39
CA ASN B 7 13.26 -16.83 -6.45
C ASN B 7 13.78 -17.05 -7.87
N GLY B 8 14.38 -18.22 -8.11
CA GLY B 8 14.90 -18.55 -9.43
C GLY B 8 15.97 -17.59 -9.92
N ASP B 9 16.60 -16.89 -8.99
CA ASP B 9 17.64 -15.91 -9.29
C ASP B 9 17.02 -14.71 -10.02
N CYS B 10 15.69 -14.61 -9.97
CA CYS B 10 14.98 -13.50 -10.62
C CYS B 10 15.02 -12.24 -9.77
N ASP B 11 15.00 -11.09 -10.42
CA ASP B 11 14.99 -9.81 -9.72
C ASP B 11 13.59 -9.60 -9.16
N GLN B 12 12.59 -9.93 -9.97
CA GLN B 12 11.20 -9.74 -9.58
C GLN B 12 10.33 -10.98 -9.77
N PHE B 13 9.40 -10.94 -10.72
CA PHE B 13 8.51 -12.08 -10.93
C PHE B 13 9.18 -13.36 -11.41
N CYS B 14 8.78 -14.49 -10.85
CA CYS B 14 9.34 -15.77 -11.24
C CYS B 14 8.20 -16.71 -11.60
N HIS B 15 8.30 -17.35 -12.76
CA HIS B 15 7.30 -18.29 -13.25
C HIS B 15 8.02 -19.55 -13.75
N GLU B 16 7.26 -20.62 -13.96
CA GLU B 16 7.83 -21.86 -14.45
C GLU B 16 7.13 -22.31 -15.72
N GLU B 17 7.86 -22.26 -16.84
CA GLU B 17 7.36 -22.67 -18.14
C GLU B 17 8.17 -23.87 -18.63
N GLN B 18 7.51 -25.01 -18.79
CA GLN B 18 8.16 -26.23 -19.24
C GLN B 18 9.21 -26.69 -18.23
N ASN B 19 8.87 -26.61 -16.94
CA ASN B 19 9.77 -27.01 -15.86
C ASN B 19 11.08 -26.25 -15.89
N SER B 20 11.00 -24.96 -16.23
CA SER B 20 12.17 -24.10 -16.29
C SER B 20 11.81 -22.71 -15.74
N VAL B 21 12.80 -22.06 -15.13
CA VAL B 21 12.58 -20.73 -14.56
C VAL B 21 12.45 -19.65 -15.65
N VAL B 22 11.43 -18.81 -15.50
CA VAL B 22 11.21 -17.72 -16.43
C VAL B 22 10.98 -16.46 -15.60
N CYS B 23 11.82 -15.45 -15.78
CA CYS B 23 11.70 -14.21 -15.03
C CYS B 23 10.91 -13.16 -15.81
N SER B 24 10.33 -12.22 -15.08
CA SER B 24 9.58 -11.12 -15.67
C SER B 24 9.61 -9.93 -14.71
N CYS B 25 9.17 -8.77 -15.18
CA CYS B 25 9.22 -7.55 -14.38
C CYS B 25 7.91 -6.78 -14.36
N ALA B 26 7.80 -5.82 -13.44
CA ALA B 26 6.60 -5.00 -13.34
C ALA B 26 6.64 -3.96 -14.45
N ARG B 27 5.51 -3.32 -14.72
CA ARG B 27 5.46 -2.31 -15.76
C ARG B 27 6.46 -1.20 -15.47
N GLY B 28 7.17 -0.76 -16.50
CA GLY B 28 8.17 0.28 -16.34
C GLY B 28 9.57 -0.29 -16.25
N TYR B 29 9.67 -1.62 -16.27
CA TYR B 29 10.94 -2.32 -16.20
C TYR B 29 11.05 -3.24 -17.41
N THR B 30 12.27 -3.45 -17.91
CA THR B 30 12.49 -4.34 -19.04
C THR B 30 13.38 -5.49 -18.56
N LEU B 31 13.13 -6.71 -19.02
CA LEU B 31 13.95 -7.84 -18.60
C LEU B 31 15.34 -7.69 -19.24
N ALA B 32 16.38 -7.80 -18.41
CA ALA B 32 17.74 -7.66 -18.89
C ALA B 32 18.11 -8.80 -19.83
N ASP B 33 19.24 -8.66 -20.52
CA ASP B 33 19.71 -9.68 -21.45
C ASP B 33 19.89 -11.03 -20.79
N ASN B 34 20.33 -11.06 -19.54
CA ASN B 34 20.52 -12.34 -18.86
C ASN B 34 19.20 -13.02 -18.50
N GLY B 35 18.09 -12.36 -18.83
CA GLY B 35 16.77 -12.91 -18.54
C GLY B 35 16.39 -13.02 -17.08
N LYS B 36 17.12 -12.32 -16.21
CA LYS B 36 16.88 -12.34 -14.77
C LYS B 36 16.66 -10.97 -14.15
N ALA B 37 17.55 -10.03 -14.47
CA ALA B 37 17.48 -8.68 -13.91
C ALA B 37 16.37 -7.81 -14.51
N CYS B 38 15.91 -6.84 -13.73
CA CYS B 38 14.88 -5.91 -14.17
C CYS B 38 15.47 -4.51 -14.28
N ILE B 39 15.44 -3.95 -15.48
CA ILE B 39 16.00 -2.61 -15.74
C ILE B 39 14.94 -1.53 -15.90
N PRO B 40 14.98 -0.49 -15.05
CA PRO B 40 14.00 0.60 -15.14
C PRO B 40 14.09 1.37 -16.45
N THR B 41 12.96 1.92 -16.89
CA THR B 41 12.91 2.68 -18.14
C THR B 41 12.87 4.18 -17.93
N GLY B 42 12.52 4.62 -16.72
CA GLY B 42 12.47 6.04 -16.43
C GLY B 42 13.20 6.38 -15.15
N PRO B 43 13.29 7.66 -14.77
CA PRO B 43 13.98 8.10 -13.55
C PRO B 43 13.22 7.79 -12.27
N TYR B 44 11.97 7.40 -12.40
CA TYR B 44 11.15 7.09 -11.23
C TYR B 44 10.37 5.80 -11.38
N PRO B 45 11.09 4.66 -11.49
CA PRO B 45 10.44 3.35 -11.63
C PRO B 45 9.68 3.00 -10.36
N CYS B 46 8.63 2.20 -10.51
CA CYS B 46 7.83 1.83 -9.37
C CYS B 46 8.63 1.04 -8.35
N GLY B 47 8.20 1.13 -7.09
CA GLY B 47 8.84 0.40 -6.02
C GLY B 47 10.21 0.85 -5.55
N LYS B 48 10.73 1.93 -6.14
CA LYS B 48 12.04 2.41 -5.72
C LYS B 48 11.94 3.68 -4.92
N GLN B 49 12.50 3.67 -3.71
CA GLN B 49 12.49 4.87 -2.88
C GLN B 49 13.31 5.89 -3.65
N THR B 50 12.99 7.16 -3.50
CA THR B 50 13.72 8.20 -4.21
C THR B 50 14.82 8.79 -3.33
N LEU B 51 16.04 8.29 -3.50
CA LEU B 51 17.17 8.77 -2.71
C LEU B 51 18.21 9.44 -3.59
N GLU B 52 18.25 10.77 -3.58
CA GLU B 52 19.23 11.52 -4.37
C GLU B 52 19.25 12.99 -3.97
C1 FXA C . -10.90 3.73 17.84
C2 FXA C . -9.96 3.78 16.72
C3 FXA C . -10.15 2.84 15.62
C10 FXA C . -12.36 1.18 13.54
C11 FXA C . -13.05 -0.08 13.04
C13 FXA C . -13.60 -0.13 11.68
C14 FXA C . -14.35 -1.32 11.21
C15 FXA C . -14.54 -2.49 12.10
C16 FXA C . -13.94 -2.46 13.45
N18 FXA C . -15.40 -3.58 11.65
C19 FXA C . -16.86 -3.42 11.82
C20 FXA C . -17.80 -4.43 11.26
C21 FXA C . -14.85 -4.69 11.03
C24 FXA C . -15.79 -5.68 10.52
C27 FXA C . -6.64 0.41 10.71
C4 FXA C . -11.25 1.89 15.62
C5 FXA C . -12.16 1.81 16.76
C6 FXA C . -11.97 2.73 17.87
S7 FXA C . -9.07 2.84 14.20
N8 FXA C . -8.35 1.36 13.94
N9 FXA C . -11.48 1.00 14.58
O12 FXA C . -12.60 2.28 13.05
C17 FXA C . -13.20 -1.26 13.91
O22 FXA C . -17.30 -2.43 12.41
C23 FXA C . -17.23 -5.57 10.60
C25 FXA C . -7.43 0.88 12.99
C26 FXA C . -7.59 1.09 11.55
C28 FXA C . -5.62 -0.49 11.26
C29 FXA C . -5.50 -0.66 12.71
N30 FXA C . -6.40 0.05 13.49
CL31 FXA C . -4.53 -1.52 10.18
O32 FXA C . -8.04 3.79 14.51
O33 FXA C . -9.91 3.09 13.06
#